data_1YYN
#
_entry.id   1YYN
#
_cell.length_a   70.907
_cell.length_b   78.930
_cell.length_c   90.977
_cell.angle_alpha   90.00
_cell.angle_beta   90.00
_cell.angle_gamma   90.00
#
_symmetry.space_group_name_H-M   'P 21 21 21'
#
loop_
_entity.id
_entity.type
_entity.pdbx_description
1 polymer 'Tetanus toxin'
2 branched 'N-acetyl-alpha-neuraminic acid-(2-8)-N-acetyl-alpha-neuraminic acid-(2-3)-alpha-D-galactopyranose-(1-4)-beta-D-glucopyranose'
3 water water
#
_entity_poly.entity_id   1
_entity_poly.type   'polypeptide(L)'
_entity_poly.pdbx_seq_one_letter_code
;EDIDVILKKSTILNLDINNDIISDISGFNSSVITYPDAQLVPGINGKAIHLVNNESSEVIVHKAMDIEYNDMFNNFTVSF
WLRVPKVSASHLEQYGTNEYSIISSMKKHSLSIGSGWSVSLKGNNLIWTLKDSAGEVRQITFRDLPDKFNAYLANKWVFI
TITNDRLSSANLYINGVLMGSAEITGLGAIREDNNITLKLDRCNNNNQYVSIDKFRIFCKALNPKEIEKLYTSYLSITFL
RDFWGNPLRYDTEYYLIPVASSSKDVQLKNITDYMYLTNAPSYTNGKLNIYYRRLYNGLKFIIKRYTPNNEIDSFVKSGD
FIKLYVSYNNNEHIVGYPKDGNAFNNLDRILRVGYNAPGIPLYKKMEAVKLRDLKTYSVQLKLYDDKNASLGLVGTHNGQ
IGNDPNRDILIASNWYFNHLKDKILGCDWYFVPTDEGWTND
;
_entity_poly.pdbx_strand_id   A
#
loop_
_chem_comp.id
_chem_comp.type
_chem_comp.name
_chem_comp.formula
BGC D-saccharide, beta linking beta-D-glucopyranose 'C6 H12 O6'
GLA D-saccharide, alpha linking alpha-D-galactopyranose 'C6 H12 O6'
SIA D-saccharide, alpha linking 'N-acetyl-alpha-neuraminic acid' 'C11 H19 N O9'
#
# COMPACT_ATOMS: atom_id res chain seq x y z
N GLU A 1 25.22 17.57 -0.25
CA GLU A 1 24.93 17.76 -1.71
C GLU A 1 23.42 17.75 -1.96
N ASP A 2 23.05 17.48 -3.21
CA ASP A 2 21.66 17.41 -3.61
C ASP A 2 21.20 15.98 -3.34
N ILE A 3 20.24 15.82 -2.44
CA ILE A 3 19.74 14.49 -2.13
C ILE A 3 19.37 13.74 -3.39
N ASP A 4 18.72 14.43 -4.33
CA ASP A 4 18.30 13.81 -5.58
C ASP A 4 19.47 13.33 -6.42
N VAL A 5 20.56 14.10 -6.44
CA VAL A 5 21.74 13.72 -7.20
C VAL A 5 22.41 12.54 -6.52
N ILE A 6 22.53 12.62 -5.20
CA ILE A 6 23.14 11.56 -4.41
C ILE A 6 22.35 10.28 -4.65
N LEU A 7 21.03 10.38 -4.48
CA LEU A 7 20.17 9.22 -4.67
C LEU A 7 20.36 8.60 -6.04
N LYS A 8 20.47 9.43 -7.06
CA LYS A 8 20.63 8.95 -8.42
C LYS A 8 22.01 8.36 -8.67
N LYS A 9 23.06 9.10 -8.31
CA LYS A 9 24.42 8.64 -8.51
C LYS A 9 24.82 7.41 -7.69
N SER A 10 24.16 7.20 -6.56
CA SER A 10 24.48 6.05 -5.70
C SER A 10 23.74 4.78 -6.11
N THR A 11 22.84 4.90 -7.07
CA THR A 11 22.08 3.76 -7.53
C THR A 11 22.94 2.88 -8.43
N ILE A 12 23.09 1.61 -8.06
CA ILE A 12 23.89 0.68 -8.84
C ILE A 12 23.04 -0.44 -9.45
N LEU A 13 21.74 -0.38 -9.17
CA LEU A 13 20.79 -1.37 -9.67
C LEU A 13 19.41 -0.78 -9.41
N ASN A 14 18.56 -0.79 -10.42
CA ASN A 14 17.24 -0.20 -10.30
C ASN A 14 16.29 -0.89 -11.27
N LEU A 15 15.58 -1.93 -10.82
CA LEU A 15 14.67 -2.63 -11.71
C LEU A 15 13.40 -1.85 -12.02
N ASP A 16 13.10 -1.76 -13.31
CA ASP A 16 11.89 -1.08 -13.75
C ASP A 16 11.09 -2.06 -14.62
N ILE A 17 9.83 -1.73 -14.88
CA ILE A 17 8.98 -2.60 -15.68
C ILE A 17 8.33 -1.77 -16.79
N ASN A 18 8.82 -1.95 -18.01
CA ASN A 18 8.31 -1.24 -19.17
C ASN A 18 7.90 -2.25 -20.23
N ASN A 19 6.69 -2.09 -20.76
CA ASN A 19 6.17 -2.98 -21.80
C ASN A 19 6.17 -4.43 -21.37
N ASP A 20 5.95 -4.67 -20.08
CA ASP A 20 5.93 -6.02 -19.51
C ASP A 20 7.30 -6.68 -19.44
N ILE A 21 8.35 -5.87 -19.48
CA ILE A 21 9.72 -6.37 -19.40
C ILE A 21 10.41 -5.79 -18.16
N ILE A 22 11.13 -6.65 -17.45
CA ILE A 22 11.84 -6.25 -16.24
C ILE A 22 13.32 -6.14 -16.57
N SER A 23 13.89 -4.97 -16.34
CA SER A 23 15.31 -4.75 -16.60
C SER A 23 15.90 -3.76 -15.61
N ASP A 24 17.23 -3.65 -15.63
CA ASP A 24 17.94 -2.73 -14.76
C ASP A 24 18.11 -1.41 -15.52
N ILE A 25 17.75 -0.30 -14.88
CA ILE A 25 17.86 1.02 -15.51
C ILE A 25 18.87 1.93 -14.80
N SER A 26 19.67 1.34 -13.91
CA SER A 26 20.66 2.13 -13.18
C SER A 26 21.71 2.68 -14.12
N GLY A 27 22.16 1.84 -15.05
CA GLY A 27 23.17 2.25 -15.99
C GLY A 27 24.22 1.17 -16.18
N PHE A 28 24.40 0.32 -15.16
CA PHE A 28 25.38 -0.75 -15.23
C PHE A 28 24.82 -1.92 -16.04
N ASN A 29 23.57 -1.79 -16.47
CA ASN A 29 22.91 -2.81 -17.26
C ASN A 29 23.07 -4.24 -16.74
N SER A 30 22.75 -4.45 -15.47
CA SER A 30 22.82 -5.80 -14.91
C SER A 30 21.75 -6.59 -15.65
N SER A 31 22.13 -7.77 -16.13
CA SER A 31 21.22 -8.64 -16.88
C SER A 31 20.08 -9.16 -16.00
N VAL A 32 18.86 -9.17 -16.55
CA VAL A 32 17.67 -9.63 -15.84
C VAL A 32 16.98 -10.81 -16.52
N ILE A 33 16.97 -11.95 -15.85
CA ILE A 33 16.33 -13.16 -16.38
C ILE A 33 14.99 -13.37 -15.66
N THR A 34 13.89 -13.25 -16.40
CA THR A 34 12.55 -13.40 -15.86
C THR A 34 11.94 -14.77 -16.19
N TYR A 35 11.83 -15.65 -15.20
CA TYR A 35 11.28 -16.98 -15.42
C TYR A 35 9.78 -16.99 -15.69
N PRO A 36 9.28 -18.10 -16.28
CA PRO A 36 7.87 -18.31 -16.64
C PRO A 36 6.78 -17.86 -15.66
N ASP A 37 6.88 -18.28 -14.40
CA ASP A 37 5.84 -17.91 -13.45
C ASP A 37 6.02 -16.62 -12.64
N ALA A 38 6.92 -15.75 -13.09
CA ALA A 38 7.11 -14.47 -12.43
C ALA A 38 6.00 -13.64 -13.03
N GLN A 39 4.97 -13.36 -12.24
CA GLN A 39 3.82 -12.62 -12.73
C GLN A 39 3.93 -11.09 -12.56
N LEU A 40 3.10 -10.36 -13.31
CA LEU A 40 3.10 -8.91 -13.23
C LEU A 40 1.77 -8.41 -12.68
N VAL A 41 1.85 -7.48 -11.72
CA VAL A 41 0.66 -6.94 -11.09
C VAL A 41 0.80 -5.44 -10.85
N PRO A 42 -0.32 -4.75 -10.62
CA PRO A 42 -0.28 -3.31 -10.37
C PRO A 42 0.74 -2.97 -9.28
N GLY A 43 1.61 -1.99 -9.57
CA GLY A 43 2.61 -1.60 -8.60
C GLY A 43 2.36 -0.20 -8.07
N ILE A 44 3.36 0.36 -7.40
CA ILE A 44 3.24 1.71 -6.84
C ILE A 44 3.18 2.79 -7.94
N ASN A 45 3.79 2.49 -9.09
CA ASN A 45 3.79 3.40 -10.23
C ASN A 45 4.14 2.62 -11.48
N GLY A 46 3.15 1.92 -12.02
CA GLY A 46 3.34 1.09 -13.19
C GLY A 46 2.96 -0.33 -12.81
N LYS A 47 3.80 -1.31 -13.13
CA LYS A 47 3.53 -2.70 -12.75
C LYS A 47 4.58 -3.17 -11.76
N ALA A 48 4.33 -4.32 -11.16
CA ALA A 48 5.24 -4.88 -10.18
C ALA A 48 5.43 -6.38 -10.35
N ILE A 49 6.46 -6.89 -9.68
CA ILE A 49 6.80 -8.31 -9.71
C ILE A 49 5.95 -9.07 -8.69
N HIS A 50 5.36 -10.18 -9.11
CA HIS A 50 4.53 -10.98 -8.22
C HIS A 50 5.07 -12.41 -8.19
N LEU A 51 5.46 -12.88 -7.00
CA LEU A 51 6.00 -14.23 -6.85
C LEU A 51 5.05 -15.20 -6.16
N VAL A 52 4.92 -16.40 -6.71
CA VAL A 52 4.08 -17.46 -6.14
C VAL A 52 5.02 -18.60 -5.77
N ASN A 53 4.54 -19.56 -5.00
CA ASN A 53 5.40 -20.65 -4.54
C ASN A 53 5.63 -21.87 -5.43
N ASN A 54 6.45 -21.70 -6.47
CA ASN A 54 6.82 -22.79 -7.36
C ASN A 54 8.10 -22.37 -8.10
N GLU A 55 8.99 -23.35 -8.31
CA GLU A 55 10.27 -23.13 -8.97
C GLU A 55 10.30 -22.17 -10.16
N SER A 56 9.23 -22.15 -10.96
CA SER A 56 9.17 -21.27 -12.14
C SER A 56 8.89 -19.79 -11.83
N SER A 57 8.55 -19.50 -10.59
CA SER A 57 8.23 -18.14 -10.19
C SER A 57 9.47 -17.48 -9.56
N GLU A 58 10.29 -16.86 -10.40
CA GLU A 58 11.50 -16.17 -9.95
C GLU A 58 12.05 -15.21 -11.00
N VAL A 59 12.92 -14.31 -10.55
CA VAL A 59 13.56 -13.32 -11.39
C VAL A 59 15.01 -13.31 -10.92
N ILE A 60 15.95 -13.51 -11.83
CA ILE A 60 17.34 -13.50 -11.44
C ILE A 60 18.07 -12.33 -12.07
N VAL A 61 18.80 -11.60 -11.24
CA VAL A 61 19.55 -10.45 -11.68
C VAL A 61 21.03 -10.79 -11.69
N HIS A 62 21.64 -10.86 -12.86
CA HIS A 62 23.05 -11.16 -12.93
C HIS A 62 23.81 -9.84 -12.79
N LYS A 63 24.43 -9.67 -11.62
CA LYS A 63 25.17 -8.46 -11.32
C LYS A 63 26.21 -8.18 -12.38
N ALA A 64 26.23 -6.93 -12.85
CA ALA A 64 27.21 -6.52 -13.85
C ALA A 64 28.59 -6.65 -13.22
N MET A 65 29.61 -6.73 -14.06
CA MET A 65 30.97 -6.88 -13.58
C MET A 65 31.49 -5.66 -12.83
N ASP A 66 30.81 -4.51 -12.99
CA ASP A 66 31.23 -3.30 -12.29
C ASP A 66 30.56 -3.19 -10.93
N ILE A 67 29.57 -4.04 -10.70
CA ILE A 67 28.84 -4.04 -9.45
C ILE A 67 29.17 -5.27 -8.60
N GLU A 68 29.98 -5.04 -7.56
CA GLU A 68 30.41 -6.06 -6.59
C GLU A 68 30.64 -5.27 -5.31
N TYR A 69 29.74 -4.31 -5.10
CA TYR A 69 29.71 -3.40 -3.96
C TYR A 69 30.00 -4.02 -2.59
N ASN A 70 29.50 -5.23 -2.34
CA ASN A 70 29.73 -5.90 -1.06
C ASN A 70 31.21 -6.18 -0.83
N ASP A 71 32.03 -5.40 -1.50
CA ASP A 71 33.47 -5.53 -1.38
C ASP A 71 33.84 -5.50 0.10
N MET A 72 35.11 -5.76 0.36
CA MET A 72 35.61 -5.76 1.72
C MET A 72 35.10 -4.53 2.47
N PHE A 73 34.09 -4.74 3.33
CA PHE A 73 33.55 -3.67 4.15
C PHE A 73 32.83 -2.55 3.38
N ASN A 74 32.40 -2.77 2.14
CA ASN A 74 31.74 -1.66 1.45
C ASN A 74 30.23 -1.52 1.60
N ASN A 75 29.83 -0.30 1.95
CA ASN A 75 28.44 0.05 2.19
C ASN A 75 27.48 -0.10 1.01
N PHE A 76 26.23 -0.43 1.34
CA PHE A 76 25.19 -0.58 0.34
C PHE A 76 23.81 -0.51 0.99
N THR A 77 22.84 -0.11 0.19
CA THR A 77 21.47 -0.02 0.66
C THR A 77 20.56 -0.71 -0.32
N VAL A 78 19.56 -1.41 0.23
CA VAL A 78 18.57 -2.10 -0.56
C VAL A 78 17.22 -1.48 -0.21
N SER A 79 16.44 -1.19 -1.25
CA SER A 79 15.12 -0.60 -1.06
C SER A 79 14.15 -1.22 -2.05
N PHE A 80 12.88 -1.23 -1.69
CA PHE A 80 11.87 -1.80 -2.55
C PHE A 80 10.50 -1.72 -1.91
N TRP A 81 9.48 -1.77 -2.76
CA TRP A 81 8.12 -1.75 -2.30
C TRP A 81 7.76 -3.22 -2.11
N LEU A 82 7.14 -3.52 -0.99
CA LEU A 82 6.77 -4.88 -0.66
C LEU A 82 5.31 -4.97 -0.31
N ARG A 83 4.70 -6.06 -0.72
CA ARG A 83 3.31 -6.32 -0.41
C ARG A 83 3.18 -7.82 -0.16
N VAL A 84 2.80 -8.18 1.07
CA VAL A 84 2.61 -9.57 1.43
C VAL A 84 1.19 -9.64 2.00
N PRO A 85 0.43 -10.70 1.69
CA PRO A 85 -0.95 -10.80 2.19
C PRO A 85 -0.96 -11.01 3.72
N LYS A 86 -2.10 -10.73 4.35
CA LYS A 86 -2.21 -10.92 5.78
C LYS A 86 -2.22 -12.44 6.02
N VAL A 87 -1.24 -12.93 6.77
CA VAL A 87 -1.20 -14.36 7.05
C VAL A 87 -2.43 -14.68 7.90
N SER A 88 -3.18 -15.70 7.49
CA SER A 88 -4.36 -16.12 8.22
C SER A 88 -3.92 -16.72 9.56
N ALA A 89 -4.84 -16.71 10.52
CA ALA A 89 -4.57 -17.26 11.84
C ALA A 89 -4.06 -18.70 11.71
N SER A 90 -4.75 -19.49 10.90
CA SER A 90 -4.38 -20.88 10.70
C SER A 90 -3.00 -21.07 10.11
N HIS A 91 -2.65 -20.22 9.15
CA HIS A 91 -1.34 -20.31 8.53
C HIS A 91 -0.26 -19.79 9.44
N LEU A 92 -0.61 -18.88 10.34
CA LEU A 92 0.35 -18.32 11.27
C LEU A 92 0.79 -19.43 12.23
N GLU A 93 -0.19 -20.25 12.66
CA GLU A 93 0.10 -21.35 13.58
C GLU A 93 0.78 -22.45 12.77
N GLN A 94 0.28 -22.65 11.56
CA GLN A 94 0.76 -23.64 10.60
C GLN A 94 2.22 -23.43 10.17
N TYR A 95 2.48 -22.28 9.55
CA TYR A 95 3.81 -21.96 9.04
C TYR A 95 4.55 -20.84 9.74
N GLY A 96 4.09 -20.45 10.93
CA GLY A 96 4.72 -19.37 11.66
C GLY A 96 6.22 -19.41 11.88
N THR A 97 6.78 -20.61 11.99
CA THR A 97 8.21 -20.76 12.22
C THR A 97 8.96 -21.10 10.93
N ASN A 98 8.23 -21.10 9.82
CA ASN A 98 8.84 -21.39 8.54
C ASN A 98 9.50 -20.14 7.95
N GLU A 99 10.81 -20.01 8.12
CA GLU A 99 11.50 -18.86 7.56
C GLU A 99 11.83 -19.17 6.10
N TYR A 100 11.34 -18.33 5.20
CA TYR A 100 11.62 -18.49 3.79
C TYR A 100 12.13 -17.14 3.30
N SER A 101 13.16 -17.16 2.46
CA SER A 101 13.72 -15.92 1.94
C SER A 101 12.96 -15.55 0.69
N ILE A 102 12.96 -14.27 0.34
CA ILE A 102 12.27 -13.80 -0.84
C ILE A 102 13.23 -13.09 -1.79
N ILE A 103 14.34 -12.58 -1.26
CA ILE A 103 15.36 -11.88 -2.05
C ILE A 103 16.71 -12.21 -1.46
N SER A 104 17.60 -12.78 -2.27
CA SER A 104 18.89 -13.18 -1.74
C SER A 104 20.08 -13.01 -2.67
N SER A 105 21.24 -12.76 -2.08
CA SER A 105 22.49 -12.63 -2.83
C SER A 105 23.32 -13.83 -2.40
N MET A 106 22.68 -14.73 -1.65
CA MET A 106 23.31 -15.93 -1.16
C MET A 106 23.08 -17.03 -2.19
N LYS A 107 24.03 -17.95 -2.33
CA LYS A 107 23.85 -19.02 -3.29
C LYS A 107 23.78 -20.38 -2.59
N LYS A 108 22.59 -20.74 -2.14
CA LYS A 108 22.37 -22.02 -1.49
C LYS A 108 22.43 -23.11 -2.56
N HIS A 109 23.01 -24.25 -2.21
CA HIS A 109 23.15 -25.39 -3.13
C HIS A 109 24.33 -25.23 -4.09
N SER A 110 25.51 -25.38 -3.51
CA SER A 110 26.81 -25.30 -4.18
C SER A 110 27.81 -25.18 -3.04
N LEU A 111 27.90 -23.99 -2.46
CA LEU A 111 28.82 -23.73 -1.35
C LEU A 111 28.63 -22.35 -0.70
N SER A 112 29.73 -21.62 -0.56
CA SER A 112 29.75 -20.29 0.05
C SER A 112 28.64 -20.10 1.08
N ILE A 113 28.80 -20.78 2.22
CA ILE A 113 27.84 -20.76 3.32
C ILE A 113 27.11 -19.40 3.52
N GLY A 114 25.82 -19.40 3.23
CA GLY A 114 24.97 -18.20 3.37
C GLY A 114 25.40 -16.92 2.61
N SER A 115 26.26 -17.15 1.61
CA SER A 115 26.97 -16.09 0.86
C SER A 115 27.18 -14.64 1.38
N GLY A 116 26.20 -13.90 0.95
CA GLY A 116 26.06 -12.50 1.32
C GLY A 116 24.88 -12.01 2.18
N TRP A 117 23.79 -11.58 1.53
CA TRP A 117 22.63 -11.10 2.28
C TRP A 117 21.27 -11.58 1.77
N SER A 118 20.24 -11.35 2.57
CA SER A 118 18.91 -11.77 2.18
C SER A 118 17.78 -11.11 2.95
N VAL A 119 16.60 -11.15 2.35
CA VAL A 119 15.41 -10.62 2.96
C VAL A 119 14.48 -11.81 3.07
N SER A 120 14.16 -12.21 4.30
CA SER A 120 13.29 -13.34 4.51
C SER A 120 12.11 -12.98 5.39
N LEU A 121 11.10 -13.85 5.36
CA LEU A 121 9.89 -13.68 6.15
C LEU A 121 9.65 -14.90 7.04
N LYS A 122 9.18 -14.66 8.26
CA LYS A 122 8.87 -15.72 9.21
C LYS A 122 7.60 -15.31 9.97
N GLY A 123 6.48 -15.91 9.58
CA GLY A 123 5.20 -15.56 10.18
C GLY A 123 5.05 -14.08 9.84
N ASN A 124 4.94 -13.23 10.86
CA ASN A 124 4.81 -11.80 10.66
C ASN A 124 6.11 -11.08 10.97
N ASN A 125 7.22 -11.73 10.63
CA ASN A 125 8.53 -11.13 10.85
C ASN A 125 9.21 -10.84 9.52
N LEU A 126 9.87 -9.69 9.45
CA LEU A 126 10.61 -9.31 8.25
C LEU A 126 12.06 -9.37 8.70
N ILE A 127 12.84 -10.23 8.08
CA ILE A 127 14.23 -10.43 8.47
C ILE A 127 15.30 -10.05 7.45
N TRP A 128 16.32 -9.34 7.93
CA TRP A 128 17.46 -8.93 7.12
C TRP A 128 18.68 -9.67 7.65
N THR A 129 19.36 -10.40 6.77
CA THR A 129 20.53 -11.14 7.19
C THR A 129 21.77 -10.82 6.35
N LEU A 130 22.89 -10.63 7.04
CA LEU A 130 24.19 -10.34 6.42
C LEU A 130 25.15 -11.44 6.87
N LYS A 131 25.78 -12.12 5.92
CA LYS A 131 26.73 -13.18 6.28
C LYS A 131 28.04 -13.06 5.50
N ASP A 132 29.17 -13.01 6.22
CA ASP A 132 30.48 -12.93 5.57
C ASP A 132 31.04 -14.33 5.28
N SER A 133 32.08 -14.39 4.46
CA SER A 133 32.71 -15.65 4.07
C SER A 133 33.34 -16.45 5.22
N ALA A 134 33.43 -15.85 6.40
CA ALA A 134 34.02 -16.52 7.56
C ALA A 134 32.96 -16.90 8.60
N GLY A 135 31.76 -17.20 8.11
CA GLY A 135 30.68 -17.56 9.02
C GLY A 135 29.89 -16.34 9.44
N GLU A 136 30.45 -15.58 10.37
CA GLU A 136 29.83 -14.35 10.91
C GLU A 136 28.53 -13.88 10.26
N VAL A 137 27.45 -13.87 11.04
CA VAL A 137 26.15 -13.42 10.56
C VAL A 137 25.58 -12.32 11.44
N ARG A 138 24.86 -11.41 10.82
CA ARG A 138 24.23 -10.32 11.55
C ARG A 138 22.78 -10.25 11.09
N GLN A 139 21.90 -9.85 11.98
CA GLN A 139 20.49 -9.81 11.63
C GLN A 139 19.67 -8.73 12.25
N ILE A 140 18.59 -8.42 11.55
CA ILE A 140 17.61 -7.46 11.99
C ILE A 140 16.31 -8.21 11.80
N THR A 141 15.60 -8.45 12.91
CA THR A 141 14.33 -9.14 12.86
C THR A 141 13.28 -8.12 13.22
N PHE A 142 12.35 -7.87 12.29
CA PHE A 142 11.27 -6.92 12.52
C PHE A 142 10.01 -7.70 12.83
N ARG A 143 9.41 -7.40 13.98
CA ARG A 143 8.18 -8.06 14.38
C ARG A 143 7.05 -7.09 14.09
N ASP A 144 6.16 -7.49 13.18
CA ASP A 144 5.07 -6.62 12.81
C ASP A 144 4.11 -6.35 13.96
N LEU A 145 3.28 -5.33 13.78
CA LEU A 145 2.30 -4.93 14.79
C LEU A 145 1.15 -5.94 14.91
N PRO A 146 0.59 -6.07 16.13
CA PRO A 146 -0.54 -7.00 16.35
C PRO A 146 -1.75 -6.60 15.50
N ASP A 147 -2.08 -5.30 15.50
CA ASP A 147 -3.22 -4.77 14.75
C ASP A 147 -2.98 -4.81 13.24
N LYS A 148 -3.51 -5.84 12.59
CA LYS A 148 -3.30 -5.99 11.15
C LYS A 148 -3.84 -4.87 10.27
N PHE A 149 -4.81 -4.11 10.78
CA PHE A 149 -5.33 -3.01 9.98
C PHE A 149 -4.18 -2.00 9.79
N ASN A 150 -3.29 -1.91 10.78
CA ASN A 150 -2.17 -0.98 10.71
C ASN A 150 -0.80 -1.64 10.59
N ALA A 151 -0.79 -2.94 10.31
CA ALA A 151 0.47 -3.67 10.19
C ALA A 151 1.11 -3.41 8.81
N TYR A 152 2.37 -3.77 8.69
CA TYR A 152 3.11 -3.54 7.46
C TYR A 152 3.17 -4.74 6.54
N LEU A 153 3.01 -5.92 7.12
CA LEU A 153 3.03 -7.17 6.37
C LEU A 153 1.59 -7.70 6.44
N ALA A 154 0.66 -6.92 5.93
CA ALA A 154 -0.76 -7.30 5.93
C ALA A 154 -1.52 -6.76 4.71
N ASN A 155 -1.00 -7.10 3.53
CA ASN A 155 -1.61 -6.77 2.25
C ASN A 155 -1.49 -5.34 1.68
N LYS A 156 -0.76 -4.46 2.35
CA LYS A 156 -0.56 -3.09 1.85
C LYS A 156 0.82 -2.91 1.25
N TRP A 157 0.90 -2.22 0.12
CA TRP A 157 2.20 -1.94 -0.47
C TRP A 157 2.96 -1.09 0.56
N VAL A 158 4.18 -1.49 0.91
CA VAL A 158 4.96 -0.71 1.87
C VAL A 158 6.39 -0.54 1.35
N PHE A 159 7.04 0.58 1.71
CA PHE A 159 8.38 0.85 1.24
C PHE A 159 9.46 0.40 2.19
N ILE A 160 10.23 -0.59 1.79
CA ILE A 160 11.31 -1.11 2.62
C ILE A 160 12.66 -0.50 2.24
N THR A 161 13.41 -0.07 3.24
CA THR A 161 14.75 0.46 3.00
C THR A 161 15.68 -0.06 4.07
N ILE A 162 16.71 -0.79 3.66
CA ILE A 162 17.68 -1.34 4.59
C ILE A 162 19.05 -0.81 4.24
N THR A 163 19.62 -0.02 5.15
CA THR A 163 20.94 0.57 4.92
C THR A 163 22.02 -0.22 5.66
N ASN A 164 23.19 -0.30 5.04
CA ASN A 164 24.30 -1.04 5.61
C ASN A 164 25.58 -0.24 5.65
N ASP A 165 25.91 0.27 6.83
CA ASP A 165 27.13 1.04 7.07
C ASP A 165 28.13 0.07 7.71
N ARG A 166 29.02 -0.50 6.92
CA ARG A 166 30.00 -1.44 7.44
C ARG A 166 30.93 -0.88 8.53
N LEU A 167 30.82 0.42 8.82
CA LEU A 167 31.64 1.04 9.85
C LEU A 167 30.83 1.28 11.12
N SER A 168 29.55 0.91 11.07
CA SER A 168 28.67 1.09 12.22
C SER A 168 27.61 0.00 12.23
N SER A 169 26.38 0.36 11.88
CA SER A 169 25.29 -0.61 11.90
C SER A 169 24.48 -0.70 10.60
N ALA A 170 23.54 -1.62 10.60
CA ALA A 170 22.63 -1.84 9.48
C ALA A 170 21.29 -1.36 10.03
N ASN A 171 20.51 -0.65 9.22
CA ASN A 171 19.21 -0.15 9.68
C ASN A 171 18.08 -0.42 8.72
N LEU A 172 16.98 -0.93 9.26
CA LEU A 172 15.81 -1.24 8.44
C LEU A 172 14.74 -0.20 8.69
N TYR A 173 14.22 0.34 7.58
CA TYR A 173 13.17 1.33 7.64
C TYR A 173 11.98 0.84 6.84
N ILE A 174 10.80 1.31 7.23
CA ILE A 174 9.57 0.97 6.54
C ILE A 174 8.86 2.30 6.33
N ASN A 175 8.51 2.60 5.08
CA ASN A 175 7.87 3.88 4.76
C ASN A 175 8.68 5.02 5.37
N GLY A 176 10.00 4.93 5.28
CA GLY A 176 10.87 5.97 5.81
C GLY A 176 11.07 6.04 7.32
N VAL A 177 10.55 5.06 8.06
CA VAL A 177 10.72 5.10 9.51
C VAL A 177 11.58 3.95 10.01
N LEU A 178 12.56 4.29 10.84
CA LEU A 178 13.48 3.32 11.41
C LEU A 178 12.71 2.37 12.32
N MET A 179 12.81 1.07 12.06
CA MET A 179 12.07 0.11 12.87
C MET A 179 12.89 -1.10 13.32
N GLY A 180 14.20 -1.02 13.10
CA GLY A 180 15.10 -2.10 13.49
C GLY A 180 16.53 -1.75 13.14
N SER A 181 17.48 -2.27 13.92
CA SER A 181 18.87 -1.97 13.67
C SER A 181 19.77 -3.05 14.26
N ALA A 182 20.99 -3.17 13.73
CA ALA A 182 21.93 -4.17 14.23
C ALA A 182 23.37 -3.73 13.90
N GLU A 183 24.28 -3.99 14.84
CA GLU A 183 25.67 -3.63 14.63
C GLU A 183 26.22 -4.58 13.55
N ILE A 184 27.05 -4.05 12.65
CA ILE A 184 27.64 -4.90 11.63
C ILE A 184 29.12 -4.63 11.44
N THR A 185 29.71 -3.94 12.40
CA THR A 185 31.13 -3.63 12.37
C THR A 185 31.91 -4.91 12.66
N GLY A 186 33.04 -5.09 11.97
CA GLY A 186 33.85 -6.27 12.20
C GLY A 186 33.55 -7.51 11.38
N LEU A 187 32.85 -7.34 10.26
CA LEU A 187 32.55 -8.48 9.41
C LEU A 187 33.67 -8.61 8.39
N GLY A 188 33.96 -9.82 7.95
CA GLY A 188 35.02 -10.00 6.97
C GLY A 188 34.47 -9.71 5.60
N ALA A 189 35.11 -10.23 4.57
CA ALA A 189 34.64 -10.02 3.21
C ALA A 189 33.34 -10.77 2.98
N ILE A 190 32.40 -10.12 2.30
CA ILE A 190 31.15 -10.76 1.97
C ILE A 190 31.34 -11.22 0.54
N ARG A 191 31.46 -12.53 0.35
CA ARG A 191 31.64 -13.07 -0.99
C ARG A 191 30.35 -13.83 -1.34
N GLU A 192 29.39 -13.08 -1.87
CA GLU A 192 28.10 -13.63 -2.22
C GLU A 192 28.10 -14.22 -3.63
N ASP A 193 26.91 -14.62 -4.07
CA ASP A 193 26.72 -15.19 -5.40
C ASP A 193 26.63 -14.05 -6.40
N ASN A 194 26.99 -14.31 -7.65
CA ASN A 194 26.94 -13.28 -8.68
C ASN A 194 25.51 -12.97 -9.12
N ASN A 195 24.55 -13.66 -8.51
CA ASN A 195 23.15 -13.43 -8.83
C ASN A 195 22.36 -12.99 -7.60
N ILE A 196 21.40 -12.11 -7.83
CA ILE A 196 20.51 -11.64 -6.77
C ILE A 196 19.21 -12.35 -7.15
N THR A 197 18.76 -13.24 -6.28
CA THR A 197 17.54 -13.99 -6.57
C THR A 197 16.28 -13.47 -5.88
N LEU A 198 15.26 -13.25 -6.69
CA LEU A 198 13.95 -12.80 -6.25
C LEU A 198 13.12 -14.08 -6.34
N LYS A 199 12.91 -14.75 -5.22
CA LYS A 199 12.16 -15.99 -5.24
C LYS A 199 11.83 -16.47 -3.83
N LEU A 200 10.66 -17.06 -3.67
CA LEU A 200 10.26 -17.59 -2.38
C LEU A 200 11.04 -18.89 -2.24
N ASP A 201 11.99 -18.91 -1.32
CA ASP A 201 12.81 -20.10 -1.13
C ASP A 201 12.65 -20.69 0.25
N ARG A 202 12.36 -21.99 0.31
CA ARG A 202 12.19 -22.71 1.57
C ARG A 202 10.88 -22.36 2.28
N CYS A 203 9.87 -21.95 1.51
CA CYS A 203 8.56 -21.62 2.07
C CYS A 203 7.67 -22.85 1.92
N ASN A 204 7.14 -23.34 3.04
CA ASN A 204 6.29 -24.53 3.02
C ASN A 204 4.82 -24.29 2.71
N ASN A 205 4.42 -23.02 2.72
CA ASN A 205 3.05 -22.63 2.43
C ASN A 205 2.88 -22.45 0.93
N ASN A 206 2.31 -23.46 0.28
CA ASN A 206 2.09 -23.43 -1.17
C ASN A 206 1.25 -22.24 -1.64
N ASN A 207 0.37 -21.74 -0.78
CA ASN A 207 -0.49 -20.62 -1.12
C ASN A 207 0.19 -19.25 -0.96
N GLN A 208 1.34 -19.24 -0.29
CA GLN A 208 2.08 -17.99 -0.07
C GLN A 208 2.54 -17.32 -1.34
N TYR A 209 2.50 -15.99 -1.32
CA TYR A 209 2.94 -15.18 -2.46
C TYR A 209 3.30 -13.81 -1.91
N VAL A 210 4.16 -13.09 -2.63
CA VAL A 210 4.56 -11.74 -2.24
C VAL A 210 4.65 -10.87 -3.47
N SER A 211 4.77 -9.57 -3.26
CA SER A 211 4.90 -8.65 -4.37
C SER A 211 6.04 -7.68 -4.08
N ILE A 212 6.90 -7.49 -5.08
CA ILE A 212 8.06 -6.63 -4.98
C ILE A 212 8.07 -5.62 -6.11
N ASP A 213 8.32 -4.36 -5.78
CA ASP A 213 8.36 -3.32 -6.80
C ASP A 213 9.56 -2.39 -6.61
N LYS A 214 10.06 -1.87 -7.72
CA LYS A 214 11.18 -0.94 -7.69
C LYS A 214 12.39 -1.44 -6.92
N PHE A 215 12.71 -2.72 -7.05
CA PHE A 215 13.86 -3.23 -6.33
C PHE A 215 15.07 -2.40 -6.75
N ARG A 216 15.77 -1.82 -5.79
CA ARG A 216 16.92 -0.99 -6.09
C ARG A 216 18.04 -1.20 -5.07
N ILE A 217 19.27 -0.89 -5.46
CA ILE A 217 20.42 -1.00 -4.57
C ILE A 217 21.32 0.21 -4.77
N PHE A 218 21.79 0.79 -3.66
CA PHE A 218 22.68 1.94 -3.72
C PHE A 218 24.05 1.52 -3.22
N CYS A 219 25.09 2.24 -3.65
CA CYS A 219 26.46 1.93 -3.23
C CYS A 219 26.85 2.71 -1.98
N LYS A 220 25.86 3.20 -1.24
CA LYS A 220 26.13 3.94 0.00
C LYS A 220 25.01 3.68 1.02
N ALA A 221 25.32 3.83 2.31
CA ALA A 221 24.34 3.64 3.35
C ALA A 221 23.47 4.91 3.42
N LEU A 222 22.25 4.84 2.92
CA LEU A 222 21.38 6.02 2.91
C LEU A 222 21.06 6.58 4.29
N ASN A 223 21.04 7.90 4.41
CA ASN A 223 20.71 8.54 5.68
C ASN A 223 19.21 8.83 5.72
N PRO A 224 18.65 9.06 6.91
CA PRO A 224 17.22 9.34 7.07
C PRO A 224 16.60 10.36 6.10
N LYS A 225 17.32 11.43 5.81
CA LYS A 225 16.79 12.45 4.92
C LYS A 225 16.69 11.95 3.47
N GLU A 226 17.71 11.25 3.02
CA GLU A 226 17.76 10.71 1.66
C GLU A 226 16.72 9.59 1.53
N ILE A 227 16.55 8.83 2.60
CA ILE A 227 15.60 7.74 2.63
C ILE A 227 14.20 8.33 2.54
N GLU A 228 13.95 9.32 3.39
CA GLU A 228 12.66 10.00 3.45
C GLU A 228 12.28 10.54 2.08
N LYS A 229 13.28 11.05 1.36
CA LYS A 229 13.07 11.60 0.02
C LYS A 229 12.80 10.50 -1.00
N LEU A 230 13.60 9.44 -0.95
CA LEU A 230 13.46 8.30 -1.85
C LEU A 230 12.05 7.75 -1.72
N TYR A 231 11.61 7.60 -0.48
CA TYR A 231 10.28 7.09 -0.16
C TYR A 231 9.15 7.91 -0.80
N THR A 232 9.01 9.15 -0.37
CA THR A 232 7.93 10.01 -0.88
C THR A 232 8.01 10.21 -2.40
N SER A 233 9.20 10.12 -2.97
CA SER A 233 9.37 10.31 -4.41
C SER A 233 8.56 9.33 -5.25
N TYR A 234 8.28 8.16 -4.70
CA TYR A 234 7.51 7.14 -5.43
C TYR A 234 6.02 7.39 -5.41
N LEU A 235 5.57 8.29 -4.54
CA LEU A 235 4.15 8.59 -4.42
C LEU A 235 3.65 9.57 -5.48
N SER A 236 3.23 9.03 -6.63
CA SER A 236 2.72 9.86 -7.72
C SER A 236 1.25 10.22 -7.48
N ILE A 237 0.99 11.52 -7.30
CA ILE A 237 -0.36 12.01 -7.05
C ILE A 237 -1.31 11.75 -8.22
N THR A 238 -0.76 11.51 -9.40
CA THR A 238 -1.57 11.25 -10.60
C THR A 238 -2.80 10.39 -10.28
N PHE A 239 -2.60 9.08 -10.36
CA PHE A 239 -3.66 8.11 -10.09
C PHE A 239 -3.92 7.99 -8.59
N LEU A 240 -5.19 7.81 -8.24
CA LEU A 240 -5.58 7.66 -6.84
C LEU A 240 -5.28 6.21 -6.43
N ARG A 241 -5.34 5.91 -5.15
CA ARG A 241 -5.05 4.55 -4.73
C ARG A 241 -6.08 4.00 -3.77
N ASP A 242 -6.29 2.68 -3.84
CA ASP A 242 -7.21 2.03 -2.94
C ASP A 242 -6.43 1.70 -1.66
N PHE A 243 -7.15 1.20 -0.66
CA PHE A 243 -6.57 0.83 0.63
C PHE A 243 -5.26 0.03 0.59
N TRP A 244 -5.11 -0.85 -0.40
CA TRP A 244 -3.92 -1.69 -0.46
C TRP A 244 -2.73 -1.02 -1.12
N GLY A 245 -2.94 0.17 -1.65
CA GLY A 245 -1.88 0.89 -2.32
C GLY A 245 -1.89 0.66 -3.82
N ASN A 246 -2.94 0.02 -4.33
CA ASN A 246 -3.04 -0.22 -5.76
C ASN A 246 -3.81 0.95 -6.38
N PRO A 247 -3.69 1.13 -7.70
CA PRO A 247 -4.39 2.24 -8.37
C PRO A 247 -5.90 2.11 -8.17
N LEU A 248 -6.56 3.20 -7.82
CA LEU A 248 -8.00 3.15 -7.63
C LEU A 248 -8.65 2.90 -9.01
N ARG A 249 -9.70 2.10 -9.05
CA ARG A 249 -10.33 1.78 -10.33
C ARG A 249 -11.81 2.09 -10.45
N TYR A 250 -12.29 2.19 -11.70
CA TYR A 250 -13.69 2.45 -11.98
C TYR A 250 -14.47 1.14 -12.00
N ASP A 251 -15.78 1.26 -11.82
CA ASP A 251 -16.67 0.10 -11.85
C ASP A 251 -16.15 -1.07 -11.05
N THR A 252 -15.61 -0.77 -9.88
CA THR A 252 -15.08 -1.77 -8.98
C THR A 252 -15.70 -1.52 -7.62
N GLU A 253 -16.19 -2.58 -6.98
CA GLU A 253 -16.82 -2.41 -5.66
C GLU A 253 -15.77 -2.07 -4.61
N TYR A 254 -16.10 -1.09 -3.78
CA TYR A 254 -15.23 -0.66 -2.71
C TYR A 254 -16.01 -0.43 -1.43
N TYR A 255 -15.44 -0.83 -0.30
CA TYR A 255 -16.09 -0.57 0.97
C TYR A 255 -15.37 0.70 1.42
N LEU A 256 -16.10 1.62 2.04
CA LEU A 256 -15.47 2.85 2.50
C LEU A 256 -15.29 2.91 4.00
N ILE A 257 -14.12 3.38 4.40
CA ILE A 257 -13.77 3.53 5.80
C ILE A 257 -13.12 4.90 5.99
N PRO A 258 -13.65 5.71 6.91
CA PRO A 258 -13.10 7.04 7.16
C PRO A 258 -11.78 6.93 7.94
N VAL A 259 -10.72 7.47 7.37
CA VAL A 259 -9.41 7.41 8.02
C VAL A 259 -9.42 7.95 9.45
N ALA A 260 -10.14 9.06 9.66
CA ALA A 260 -10.22 9.69 10.97
C ALA A 260 -10.91 8.85 12.02
N SER A 261 -11.62 7.81 11.59
CA SER A 261 -12.33 6.91 12.51
C SER A 261 -12.38 5.56 11.82
N SER A 262 -11.19 4.95 11.71
CA SER A 262 -10.97 3.68 11.03
C SER A 262 -11.70 2.45 11.55
N SER A 263 -12.20 2.50 12.78
CA SER A 263 -12.92 1.35 13.32
C SER A 263 -14.38 1.34 12.84
N LYS A 264 -14.77 2.38 12.09
CA LYS A 264 -16.14 2.51 11.58
C LYS A 264 -16.39 2.05 10.14
N ASP A 265 -17.61 1.57 9.89
CA ASP A 265 -18.07 1.12 8.57
C ASP A 265 -19.23 2.04 8.14
N VAL A 266 -19.57 2.02 6.85
CA VAL A 266 -20.66 2.86 6.36
C VAL A 266 -21.96 2.06 6.18
N GLN A 267 -23.05 2.58 6.72
CA GLN A 267 -24.38 1.95 6.60
C GLN A 267 -25.38 2.93 5.97
N LEU A 268 -26.46 2.37 5.45
CA LEU A 268 -27.52 3.15 4.82
C LEU A 268 -28.82 3.04 5.62
N LYS A 269 -29.43 4.19 5.92
CA LYS A 269 -30.67 4.23 6.67
C LYS A 269 -31.75 3.53 5.82
N ASN A 270 -32.12 4.17 4.73
CA ASN A 270 -33.11 3.63 3.80
C ASN A 270 -32.77 4.17 2.42
N ILE A 271 -33.23 3.48 1.38
CA ILE A 271 -32.99 3.96 0.03
C ILE A 271 -33.72 5.31 -0.05
N THR A 272 -33.04 6.30 -0.64
CA THR A 272 -33.46 7.69 -0.83
C THR A 272 -33.01 8.50 0.39
N ASP A 273 -32.53 7.80 1.41
CA ASP A 273 -32.11 8.48 2.63
C ASP A 273 -30.60 8.60 2.86
N TYR A 274 -30.24 8.96 4.09
CA TYR A 274 -28.85 9.18 4.49
C TYR A 274 -28.03 7.97 4.93
N MET A 275 -26.71 8.14 4.91
CA MET A 275 -25.75 7.11 5.30
C MET A 275 -25.16 7.52 6.67
N TYR A 276 -24.61 6.57 7.40
CA TYR A 276 -24.03 6.87 8.71
C TYR A 276 -22.99 5.84 9.13
N LEU A 277 -22.24 6.17 10.17
CA LEU A 277 -21.19 5.29 10.66
C LEU A 277 -21.64 4.19 11.64
N THR A 278 -20.94 3.06 11.57
CA THR A 278 -21.20 1.89 12.39
C THR A 278 -19.89 1.27 12.86
N ASN A 279 -19.88 0.75 14.08
CA ASN A 279 -18.69 0.10 14.61
C ASN A 279 -18.56 -1.21 13.85
N ALA A 280 -17.37 -1.45 13.30
CA ALA A 280 -17.11 -2.66 12.57
C ALA A 280 -16.86 -3.79 13.56
N PRO A 281 -17.30 -5.02 13.23
CA PRO A 281 -17.03 -6.09 14.17
C PRO A 281 -15.52 -6.36 14.18
N SER A 282 -15.01 -6.95 15.25
CA SER A 282 -13.59 -7.22 15.36
C SER A 282 -13.22 -8.69 15.45
N TYR A 283 -11.95 -8.97 15.19
CA TYR A 283 -11.42 -10.32 15.29
C TYR A 283 -10.21 -10.17 16.21
N THR A 284 -10.18 -10.96 17.27
CA THR A 284 -9.07 -10.92 18.21
C THR A 284 -8.59 -12.34 18.48
N ASN A 285 -7.28 -12.49 18.58
CA ASN A 285 -6.68 -13.78 18.84
C ASN A 285 -5.53 -13.56 19.82
N GLY A 286 -5.79 -13.85 21.09
CA GLY A 286 -4.78 -13.66 22.11
C GLY A 286 -3.63 -14.66 22.06
N LYS A 287 -3.88 -15.88 21.60
CA LYS A 287 -2.83 -16.88 21.52
C LYS A 287 -1.82 -16.52 20.43
N LEU A 288 -2.31 -16.09 19.28
CA LEU A 288 -1.42 -15.73 18.18
C LEU A 288 -1.02 -14.25 18.30
N ASN A 289 -1.59 -13.56 19.27
CA ASN A 289 -1.31 -12.15 19.48
C ASN A 289 -1.55 -11.38 18.18
N ILE A 290 -2.71 -11.62 17.59
CA ILE A 290 -3.12 -10.97 16.35
C ILE A 290 -4.56 -10.49 16.50
N TYR A 291 -4.86 -9.32 15.93
CA TYR A 291 -6.20 -8.77 16.00
C TYR A 291 -6.36 -7.65 14.97
N TYR A 292 -7.59 -7.43 14.56
CA TYR A 292 -7.89 -6.38 13.59
C TYR A 292 -9.38 -6.20 13.39
N ARG A 293 -9.77 -4.99 13.02
CA ARG A 293 -11.16 -4.74 12.72
C ARG A 293 -11.38 -5.56 11.45
N ARG A 294 -12.50 -6.26 11.37
CA ARG A 294 -12.78 -7.04 10.17
C ARG A 294 -13.08 -6.09 9.01
N LEU A 295 -13.00 -6.61 7.80
CA LEU A 295 -13.30 -5.79 6.63
C LEU A 295 -14.47 -6.37 5.87
N TYR A 296 -14.86 -5.66 4.82
CA TYR A 296 -15.92 -6.08 3.92
C TYR A 296 -17.35 -6.06 4.47
N ASN A 297 -17.60 -5.25 5.49
CA ASN A 297 -18.95 -5.10 6.01
C ASN A 297 -19.33 -3.68 5.62
N GLY A 298 -20.61 -3.37 5.64
CA GLY A 298 -21.03 -2.03 5.27
C GLY A 298 -21.38 -1.95 3.80
N LEU A 299 -21.55 -0.71 3.33
CA LEU A 299 -21.93 -0.46 1.95
C LEU A 299 -20.84 -0.65 0.92
N LYS A 300 -21.24 -1.21 -0.22
CA LYS A 300 -20.34 -1.40 -1.36
C LYS A 300 -20.56 -0.15 -2.20
N PHE A 301 -19.50 0.60 -2.48
CA PHE A 301 -19.63 1.79 -3.32
C PHE A 301 -19.00 1.48 -4.67
N ILE A 302 -19.43 2.20 -5.70
CA ILE A 302 -18.86 2.00 -7.04
C ILE A 302 -18.66 3.34 -7.72
N ILE A 303 -17.45 3.52 -8.26
CA ILE A 303 -17.09 4.76 -8.94
C ILE A 303 -17.32 4.60 -10.45
N LYS A 304 -17.90 5.61 -11.06
CA LYS A 304 -18.15 5.62 -12.50
C LYS A 304 -17.83 6.98 -13.07
N ARG A 305 -17.42 7.01 -14.34
CA ARG A 305 -17.10 8.28 -14.98
C ARG A 305 -18.37 9.09 -15.14
N TYR A 306 -18.29 10.37 -14.81
CA TYR A 306 -19.47 11.22 -14.95
C TYR A 306 -19.88 11.20 -16.41
N THR A 307 -18.90 11.32 -17.29
CA THR A 307 -19.11 11.32 -18.73
C THR A 307 -17.89 10.69 -19.38
N PRO A 308 -17.99 9.42 -19.80
CA PRO A 308 -16.88 8.68 -20.43
C PRO A 308 -16.04 9.55 -21.38
N ASN A 309 -15.16 10.37 -20.78
CA ASN A 309 -14.26 11.32 -21.48
C ASN A 309 -12.97 10.61 -22.08
N ASN A 310 -12.49 11.33 -23.10
CA ASN A 310 -11.48 10.88 -24.03
C ASN A 310 -10.91 9.46 -24.15
N GLU A 311 -11.05 8.71 -23.07
CA GLU A 311 -10.51 7.34 -23.04
C GLU A 311 -11.33 6.29 -22.29
N ILE A 312 -11.35 5.09 -22.87
CA ILE A 312 -12.05 3.95 -22.26
C ILE A 312 -11.01 3.24 -21.38
N ASP A 313 -10.62 3.92 -20.31
CA ASP A 313 -9.63 3.41 -19.35
C ASP A 313 -10.39 3.02 -18.06
N SER A 314 -9.71 2.34 -17.14
CA SER A 314 -10.34 1.92 -15.90
C SER A 314 -9.68 2.54 -14.66
N PHE A 315 -8.60 3.29 -14.87
CA PHE A 315 -7.90 3.93 -13.76
C PHE A 315 -8.45 5.30 -13.44
N VAL A 316 -8.68 5.53 -12.15
CA VAL A 316 -9.21 6.82 -11.70
C VAL A 316 -8.06 7.78 -11.37
N LYS A 317 -8.06 8.94 -12.01
CA LYS A 317 -7.00 9.92 -11.75
C LYS A 317 -7.55 11.06 -10.93
N SER A 318 -6.67 11.74 -10.20
CA SER A 318 -7.10 12.89 -9.40
C SER A 318 -7.67 13.89 -10.41
N GLY A 319 -8.79 14.53 -10.05
CA GLY A 319 -9.39 15.51 -10.94
C GLY A 319 -10.50 14.94 -11.80
N ASP A 320 -10.57 13.62 -11.89
CA ASP A 320 -11.61 12.96 -12.67
C ASP A 320 -12.97 13.27 -12.08
N PHE A 321 -13.93 13.62 -12.93
CA PHE A 321 -15.28 13.88 -12.45
C PHE A 321 -15.97 12.54 -12.52
N ILE A 322 -16.60 12.16 -11.42
CA ILE A 322 -17.25 10.86 -11.35
C ILE A 322 -18.65 10.87 -10.76
N LYS A 323 -19.25 9.69 -10.76
CA LYS A 323 -20.56 9.45 -10.20
C LYS A 323 -20.36 8.34 -9.17
N LEU A 324 -20.93 8.51 -7.99
CA LEU A 324 -20.79 7.53 -6.92
C LEU A 324 -22.10 6.78 -6.72
N TYR A 325 -22.01 5.45 -6.63
CA TYR A 325 -23.18 4.63 -6.42
C TYR A 325 -22.93 3.64 -5.30
N VAL A 326 -24.00 3.21 -4.65
CA VAL A 326 -23.87 2.22 -3.60
C VAL A 326 -24.72 1.04 -4.09
N SER A 327 -24.22 -0.17 -3.89
CA SER A 327 -24.95 -1.38 -4.31
C SER A 327 -25.72 -1.90 -3.11
N TYR A 328 -27.04 -1.79 -3.19
CA TYR A 328 -27.93 -2.22 -2.12
C TYR A 328 -29.10 -2.95 -2.79
N ASN A 329 -29.19 -4.25 -2.56
CA ASN A 329 -30.23 -5.08 -3.15
C ASN A 329 -29.90 -5.28 -4.63
N ASN A 330 -28.62 -5.50 -4.92
CA ASN A 330 -28.15 -5.72 -6.28
C ASN A 330 -28.27 -4.53 -7.21
N ASN A 331 -29.16 -3.59 -6.89
CA ASN A 331 -29.35 -2.41 -7.72
C ASN A 331 -28.33 -1.36 -7.31
N GLU A 332 -27.90 -0.54 -8.26
CA GLU A 332 -26.94 0.52 -7.97
C GLU A 332 -27.66 1.85 -7.83
N HIS A 333 -27.52 2.47 -6.67
CA HIS A 333 -28.18 3.75 -6.44
C HIS A 333 -27.15 4.87 -6.41
N ILE A 334 -27.46 5.96 -7.10
CA ILE A 334 -26.56 7.09 -7.18
C ILE A 334 -26.49 7.81 -5.84
N VAL A 335 -25.35 8.42 -5.56
CA VAL A 335 -25.11 9.14 -4.31
C VAL A 335 -25.01 10.63 -4.64
N GLY A 336 -25.75 11.46 -3.90
CA GLY A 336 -25.71 12.89 -4.13
C GLY A 336 -26.44 13.69 -3.07
N TYR A 337 -26.72 14.95 -3.38
CA TYR A 337 -27.41 15.86 -2.47
C TYR A 337 -28.51 16.59 -3.23
N PRO A 338 -29.78 16.44 -2.81
CA PRO A 338 -30.87 17.11 -3.52
C PRO A 338 -30.91 18.60 -3.20
N LYS A 339 -31.40 19.39 -4.15
CA LYS A 339 -31.49 20.84 -3.92
C LYS A 339 -32.30 21.10 -2.66
N ASP A 340 -31.81 22.01 -1.83
CA ASP A 340 -32.47 22.33 -0.58
C ASP A 340 -32.69 21.07 0.26
N GLY A 341 -31.90 20.04 -0.01
CA GLY A 341 -32.01 18.82 0.76
C GLY A 341 -31.60 19.16 2.17
N ASN A 342 -32.16 18.46 3.16
CA ASN A 342 -31.84 18.72 4.56
C ASN A 342 -30.33 18.83 4.78
N ALA A 343 -29.94 19.75 5.65
CA ALA A 343 -28.53 19.96 5.94
C ALA A 343 -28.34 20.47 7.36
N PHE A 344 -27.14 20.26 7.91
CA PHE A 344 -26.83 20.73 9.26
C PHE A 344 -26.37 22.18 9.18
N ASN A 345 -27.20 23.09 9.68
CA ASN A 345 -26.87 24.51 9.63
C ASN A 345 -26.53 24.97 8.21
N ASN A 346 -27.30 24.47 7.25
CA ASN A 346 -27.11 24.83 5.84
C ASN A 346 -25.65 24.76 5.37
N LEU A 347 -24.82 24.11 6.17
CA LEU A 347 -23.41 23.95 5.86
C LEU A 347 -23.16 22.50 5.45
N ASP A 348 -23.18 21.63 6.44
CA ASP A 348 -22.96 20.20 6.23
C ASP A 348 -24.19 19.58 5.58
N ARG A 349 -24.18 19.54 4.25
CA ARG A 349 -25.26 18.99 3.45
C ARG A 349 -25.33 17.47 3.52
N ILE A 350 -26.41 16.96 4.11
CA ILE A 350 -26.61 15.53 4.27
C ILE A 350 -26.76 14.81 2.91
N LEU A 351 -25.88 13.85 2.66
CA LEU A 351 -25.91 13.10 1.40
C LEU A 351 -27.06 12.09 1.37
N ARG A 352 -27.48 11.71 0.17
CA ARG A 352 -28.58 10.76 0.03
C ARG A 352 -28.24 9.69 -1.00
N VAL A 353 -28.83 8.52 -0.83
CA VAL A 353 -28.60 7.42 -1.75
C VAL A 353 -29.91 7.07 -2.44
N GLY A 354 -29.92 7.13 -3.77
CA GLY A 354 -31.14 6.81 -4.49
C GLY A 354 -32.25 7.82 -4.28
N TYR A 355 -31.90 9.07 -4.04
CA TYR A 355 -32.90 10.10 -3.87
C TYR A 355 -33.61 10.21 -5.23
N ASN A 356 -34.94 10.24 -5.24
CA ASN A 356 -35.67 10.34 -6.50
C ASN A 356 -36.95 11.15 -6.41
N ALA A 357 -36.96 12.19 -5.58
CA ALA A 357 -38.13 13.03 -5.44
C ALA A 357 -38.32 13.77 -6.76
N PRO A 358 -39.55 13.76 -7.30
CA PRO A 358 -39.89 14.42 -8.57
C PRO A 358 -39.80 15.95 -8.52
N GLY A 359 -39.18 16.52 -9.55
CA GLY A 359 -39.04 17.95 -9.63
C GLY A 359 -37.89 18.51 -8.80
N ILE A 360 -37.25 17.64 -8.02
CA ILE A 360 -36.14 18.07 -7.17
C ILE A 360 -34.78 17.73 -7.80
N PRO A 361 -33.94 18.74 -8.02
CA PRO A 361 -32.64 18.45 -8.61
C PRO A 361 -31.77 17.66 -7.62
N LEU A 362 -31.05 16.66 -8.13
CA LEU A 362 -30.17 15.86 -7.31
C LEU A 362 -28.75 16.08 -7.82
N TYR A 363 -27.96 16.85 -7.07
CA TYR A 363 -26.59 17.13 -7.47
C TYR A 363 -25.67 15.94 -7.17
N LYS A 364 -25.14 15.33 -8.22
CA LYS A 364 -24.26 14.18 -8.02
C LYS A 364 -22.93 14.22 -8.77
N LYS A 365 -22.59 15.37 -9.34
CA LYS A 365 -21.31 15.48 -10.05
C LYS A 365 -20.23 15.54 -8.98
N MET A 366 -19.34 14.56 -8.99
CA MET A 366 -18.27 14.49 -8.01
C MET A 366 -16.87 14.45 -8.63
N GLU A 367 -15.91 14.95 -7.87
CA GLU A 367 -14.53 14.94 -8.32
C GLU A 367 -13.66 14.13 -7.35
N ALA A 368 -12.94 13.16 -7.89
CA ALA A 368 -12.06 12.34 -7.09
C ALA A 368 -10.73 13.09 -7.04
N VAL A 369 -10.29 13.42 -5.83
CA VAL A 369 -9.04 14.17 -5.68
C VAL A 369 -8.15 13.64 -4.55
N LYS A 370 -6.92 14.14 -4.55
CA LYS A 370 -5.92 13.78 -3.54
C LYS A 370 -5.30 15.11 -3.10
N LEU A 371 -5.89 15.73 -2.09
CA LEU A 371 -5.45 17.02 -1.60
C LEU A 371 -4.60 17.03 -0.35
N ARG A 372 -4.30 15.86 0.20
CA ARG A 372 -3.51 15.81 1.44
C ARG A 372 -3.09 14.41 1.86
N ASP A 373 -2.27 14.36 2.91
CA ASP A 373 -1.79 13.11 3.47
C ASP A 373 -1.22 12.20 2.39
N LEU A 374 -0.22 12.70 1.68
CA LEU A 374 0.42 11.96 0.60
C LEU A 374 0.83 10.52 0.92
N LYS A 375 1.26 10.29 2.15
CA LYS A 375 1.70 8.96 2.53
C LYS A 375 0.58 7.95 2.77
N THR A 376 -0.64 8.44 3.00
CA THR A 376 -1.75 7.53 3.24
C THR A 376 -2.58 7.23 1.98
N TYR A 377 -2.90 5.95 1.78
CA TYR A 377 -3.69 5.53 0.64
C TYR A 377 -5.15 5.92 0.84
N SER A 378 -5.40 7.23 0.88
CA SER A 378 -6.74 7.76 1.07
C SER A 378 -7.12 8.72 -0.06
N VAL A 379 -8.42 8.93 -0.23
CA VAL A 379 -8.94 9.80 -1.27
C VAL A 379 -9.99 10.77 -0.71
N GLN A 380 -10.18 11.89 -1.40
CA GLN A 380 -11.20 12.84 -0.98
C GLN A 380 -12.22 12.92 -2.10
N LEU A 381 -13.46 13.25 -1.75
CA LEU A 381 -14.53 13.37 -2.73
C LEU A 381 -15.14 14.77 -2.67
N LYS A 382 -15.10 15.48 -3.80
CA LYS A 382 -15.63 16.84 -3.88
C LYS A 382 -16.94 16.86 -4.68
N LEU A 383 -18.01 17.32 -4.02
CA LEU A 383 -19.32 17.38 -4.66
C LEU A 383 -19.68 18.79 -5.17
N TYR A 384 -20.14 18.86 -6.42
CA TYR A 384 -20.54 20.13 -7.04
C TYR A 384 -22.04 20.14 -7.34
N ASP A 385 -22.62 21.32 -7.52
CA ASP A 385 -24.03 21.40 -7.90
C ASP A 385 -24.00 21.40 -9.42
N ASP A 386 -25.05 21.87 -10.08
CA ASP A 386 -25.05 21.88 -11.53
C ASP A 386 -24.54 23.20 -12.12
N LYS A 387 -24.21 24.16 -11.26
CA LYS A 387 -23.69 25.45 -11.70
C LYS A 387 -22.24 25.65 -11.22
N ASN A 388 -21.46 24.57 -11.30
CA ASN A 388 -20.04 24.53 -10.91
C ASN A 388 -19.66 25.04 -9.51
N ALA A 389 -20.61 25.05 -8.58
CA ALA A 389 -20.30 25.52 -7.22
C ALA A 389 -19.94 24.34 -6.31
N SER A 390 -18.90 24.51 -5.50
CA SER A 390 -18.48 23.46 -4.58
C SER A 390 -19.43 23.26 -3.41
N LEU A 391 -20.07 22.10 -3.34
CA LEU A 391 -20.98 21.80 -2.25
C LEU A 391 -20.19 21.18 -1.09
N GLY A 392 -18.87 21.19 -1.21
CA GLY A 392 -18.02 20.67 -0.16
C GLY A 392 -17.41 19.30 -0.41
N LEU A 393 -16.54 18.91 0.51
CA LEU A 393 -15.86 17.61 0.46
C LEU A 393 -16.67 16.62 1.30
N VAL A 394 -16.84 15.41 0.78
CA VAL A 394 -17.57 14.38 1.49
C VAL A 394 -16.88 14.06 2.82
N GLY A 395 -17.66 14.04 3.89
CA GLY A 395 -17.12 13.75 5.22
C GLY A 395 -18.24 13.29 6.13
N THR A 396 -18.13 13.56 7.42
CA THR A 396 -19.18 13.17 8.36
C THR A 396 -19.45 14.25 9.40
N HIS A 397 -20.68 14.24 9.90
CA HIS A 397 -21.14 15.18 10.90
C HIS A 397 -21.86 14.34 11.91
N ASN A 398 -21.70 14.66 13.19
CA ASN A 398 -22.37 13.89 14.22
C ASN A 398 -23.63 14.57 14.73
N GLY A 399 -24.76 14.26 14.10
CA GLY A 399 -26.01 14.86 14.52
C GLY A 399 -27.16 13.87 14.58
N GLN A 400 -28.36 14.39 14.78
CA GLN A 400 -29.56 13.56 14.86
C GLN A 400 -30.54 14.01 13.79
N ILE A 401 -31.05 13.07 13.02
CA ILE A 401 -32.03 13.37 11.97
C ILE A 401 -33.39 12.85 12.44
N GLY A 402 -34.37 13.73 12.54
CA GLY A 402 -35.68 13.32 13.00
C GLY A 402 -35.55 12.78 14.41
N ASN A 403 -36.11 11.60 14.66
CA ASN A 403 -35.99 11.03 16.00
C ASN A 403 -35.11 9.78 15.99
N ASP A 404 -34.25 9.68 14.98
CA ASP A 404 -33.34 8.54 14.90
C ASP A 404 -32.26 8.76 15.95
N PRO A 405 -31.51 7.69 16.28
CA PRO A 405 -30.46 7.82 17.29
C PRO A 405 -29.36 8.76 16.80
N ASN A 406 -28.64 9.36 17.75
CA ASN A 406 -27.55 10.25 17.41
C ASN A 406 -26.54 9.48 16.55
N ARG A 407 -26.20 10.03 15.39
CA ARG A 407 -25.28 9.37 14.47
C ARG A 407 -24.21 10.20 13.78
N ASP A 408 -23.22 9.50 13.22
CA ASP A 408 -22.15 10.14 12.45
C ASP A 408 -22.68 9.99 11.03
N ILE A 409 -23.23 11.08 10.51
CA ILE A 409 -23.84 11.09 9.19
C ILE A 409 -22.97 11.67 8.08
N LEU A 410 -22.95 10.96 6.94
CA LEU A 410 -22.19 11.37 5.77
C LEU A 410 -22.77 12.65 5.23
N ILE A 411 -21.91 13.67 5.08
CA ILE A 411 -22.33 14.97 4.55
C ILE A 411 -21.29 15.52 3.58
N ALA A 412 -21.59 16.69 3.02
CA ALA A 412 -20.67 17.36 2.11
C ALA A 412 -20.48 18.74 2.73
N SER A 413 -19.24 19.08 3.03
CA SER A 413 -18.96 20.36 3.65
C SER A 413 -17.74 21.03 3.06
N ASN A 414 -17.78 22.35 3.00
CA ASN A 414 -16.67 23.13 2.48
C ASN A 414 -15.73 23.51 3.62
N TRP A 415 -16.14 23.17 4.83
CA TRP A 415 -15.35 23.46 6.03
C TRP A 415 -14.00 22.75 5.96
N TYR A 416 -13.97 21.59 5.31
CA TYR A 416 -12.75 20.81 5.19
C TYR A 416 -11.59 21.57 4.55
N PHE A 417 -11.91 22.35 3.52
CA PHE A 417 -10.91 23.14 2.81
C PHE A 417 -10.09 24.10 3.68
N ASN A 418 -10.54 24.35 4.91
CA ASN A 418 -9.83 25.25 5.82
C ASN A 418 -9.06 24.50 6.90
N HIS A 419 -8.87 23.20 6.70
CA HIS A 419 -8.17 22.36 7.66
C HIS A 419 -7.34 21.27 7.00
N LEU A 420 -7.01 21.45 5.71
CA LEU A 420 -6.25 20.43 4.99
C LEU A 420 -4.84 20.16 5.54
N LYS A 421 -4.37 20.98 6.48
CA LYS A 421 -3.04 20.79 7.07
C LYS A 421 -3.06 19.89 8.29
N ASP A 422 -4.26 19.66 8.84
CA ASP A 422 -4.43 18.80 10.01
C ASP A 422 -3.92 17.39 9.80
N LYS A 423 -3.50 16.71 10.87
CA LYS A 423 -3.03 15.34 10.73
C LYS A 423 -4.22 14.50 10.31
N ILE A 424 -5.17 14.41 11.23
CA ILE A 424 -6.40 13.64 11.01
C ILE A 424 -7.48 14.64 10.65
N LEU A 425 -8.23 14.36 9.59
CA LEU A 425 -9.30 15.28 9.19
C LEU A 425 -10.69 14.71 9.41
N GLY A 426 -11.29 14.18 8.34
CA GLY A 426 -12.63 13.65 8.45
C GLY A 426 -13.20 13.45 7.06
N CYS A 427 -12.55 14.10 6.10
CA CYS A 427 -12.94 13.99 4.70
C CYS A 427 -12.03 13.00 3.98
N ASP A 428 -11.18 12.30 4.73
CA ASP A 428 -10.29 11.31 4.13
C ASP A 428 -10.93 9.94 4.11
N TRP A 429 -11.00 9.33 2.94
CA TRP A 429 -11.62 8.02 2.81
C TRP A 429 -10.71 6.93 2.28
N TYR A 430 -10.90 5.73 2.83
CA TYR A 430 -10.17 4.54 2.42
C TYR A 430 -11.10 3.79 1.48
N PHE A 431 -10.62 3.43 0.29
CA PHE A 431 -11.44 2.65 -0.63
C PHE A 431 -10.92 1.23 -0.59
N VAL A 432 -11.67 0.38 0.11
CA VAL A 432 -11.26 -1.01 0.29
C VAL A 432 -11.91 -2.03 -0.63
N PRO A 433 -11.10 -2.65 -1.51
CA PRO A 433 -11.68 -3.64 -2.40
C PRO A 433 -11.41 -5.04 -1.81
N THR A 434 -12.28 -5.99 -2.09
CA THR A 434 -12.09 -7.34 -1.61
C THR A 434 -10.81 -7.84 -2.29
N ASP A 435 -9.94 -8.45 -1.50
CA ASP A 435 -8.67 -8.93 -2.02
C ASP A 435 -8.36 -10.29 -1.42
N GLU A 436 -7.81 -11.18 -2.22
CA GLU A 436 -7.49 -12.51 -1.70
C GLU A 436 -6.38 -12.41 -0.67
N GLY A 437 -5.68 -11.28 -0.66
CA GLY A 437 -4.59 -11.07 0.28
C GLY A 437 -5.09 -10.76 1.68
N TRP A 438 -6.40 -10.74 1.85
CA TRP A 438 -7.00 -10.45 3.15
C TRP A 438 -8.41 -11.01 3.30
N THR A 439 -8.53 -12.05 4.11
CA THR A 439 -9.83 -12.65 4.38
C THR A 439 -9.93 -12.64 5.89
N ASN A 440 -11.09 -12.30 6.42
CA ASN A 440 -11.25 -12.28 7.86
C ASN A 440 -11.18 -13.72 8.39
N ASP A 441 -10.49 -13.91 9.50
CA ASP A 441 -10.38 -15.24 10.10
C ASP A 441 -11.76 -15.62 10.67
C2 BGC B . -44.97 16.72 7.07
C3 BGC B . -43.66 15.93 7.17
C4 BGC B . -43.50 15.22 8.54
C5 BGC B . -44.81 14.54 9.02
C6 BGC B . -44.76 14.10 10.47
C1 BGC B . -46.15 15.86 7.54
O1 BGC B . -47.32 16.60 7.50
O2 BGC B . -45.17 17.12 5.72
O3 BGC B . -42.56 16.80 6.96
O4 BGC B . -42.42 14.25 8.46
O5 BGC B . -45.94 15.44 8.89
O6 BGC B . -45.56 14.93 11.31
C1 GLA B . -42.75 12.93 8.14
C2 GLA B . -41.51 12.00 8.25
C3 GLA B . -40.52 12.24 7.09
C4 GLA B . -41.26 12.16 5.75
C5 GLA B . -42.39 13.19 5.78
C6 GLA B . -43.18 13.29 4.49
O2 GLA B . -40.86 12.21 9.49
O3 GLA B . -39.48 11.23 7.16
O4 GLA B . -41.81 10.86 5.58
O5 GLA B . -43.34 12.88 6.82
O6 GLA B . -44.00 14.46 4.46
C1 SIA B . -38.43 10.94 5.03
C2 SIA B . -38.27 11.40 6.47
C3 SIA B . -37.16 10.58 7.16
C4 SIA B . -35.78 10.87 6.56
C5 SIA B . -35.52 12.38 6.53
C6 SIA B . -36.68 13.07 5.80
C7 SIA B . -36.43 14.58 5.74
C8 SIA B . -37.33 15.27 4.71
C9 SIA B . -38.80 15.17 5.11
C10 SIA B . -33.49 13.67 6.29
C11 SIA B . -32.27 14.03 5.46
N5 SIA B . -34.27 12.67 5.87
O1A SIA B . -38.40 9.71 4.78
O1B SIA B . -38.60 11.81 4.14
O4 SIA B . -34.77 10.23 7.33
O6 SIA B . -37.93 12.80 6.47
O7 SIA B . -36.66 15.14 7.02
O8 SIA B . -36.96 16.66 4.59
O9 SIA B . -39.60 15.81 4.13
O10 SIA B . -33.74 14.32 7.30
C1 SIA B . -35.51 16.42 2.69
C2 SIA B . -36.68 17.15 3.32
C3 SIA B . -36.34 18.65 3.43
C4 SIA B . -36.18 19.27 2.04
C5 SIA B . -37.42 18.97 1.20
C6 SIA B . -37.63 17.46 1.14
C7 SIA B . -38.85 17.11 0.27
C8 SIA B . -38.92 15.59 0.01
C9 SIA B . -40.02 15.27 -1.00
C10 SIA B . -37.72 20.76 -0.37
C11 SIA B . -36.69 21.77 -0.86
N5 SIA B . -37.30 19.53 -0.13
O1A SIA B . -34.37 16.59 3.17
O1B SIA B . -35.72 15.68 1.71
O4 SIA B . -36.00 20.67 2.16
O6 SIA B . -37.83 16.94 2.48
O7 SIA B . -40.04 17.53 0.90
O8 SIA B . -37.68 15.13 -0.48
O9 SIA B . -40.19 13.87 -1.12
O10 SIA B . -38.89 21.11 -0.19
#